data_7M08
#
_entry.id   7M08
#
_cell.length_a   56.136
_cell.length_b   59.862
_cell.length_c   140.189
_cell.angle_alpha   90.000
_cell.angle_beta   90.000
_cell.angle_gamma   90.000
#
_symmetry.space_group_name_H-M   'P 21 21 21'
#
loop_
_entity.id
_entity.type
_entity.pdbx_description
1 polymer 'DNA polymerase lambda'
2 polymer "DNA (5'-D(*CP*GP*GP*CP*AP*GP*TP*AP*CP*TP*G)-3')"
3 polymer "DNA (5'-D(*CP*AP*GP*TP*AP*CP*T)-3')"
4 polymer "DNA (5'-D(P*GP*CP*CP*G)-3')"
5 non-polymer 'SODIUM ION'
6 non-polymer 'CHLORIDE ION'
7 non-polymer 'MAGNESIUM ION'
8 non-polymer 1,2-ETHANEDIOL
9 non-polymer 'ACETATE ION'
10 water water
#
loop_
_entity_poly.entity_id
_entity_poly.type
_entity_poly.pdbx_seq_one_letter_code
_entity_poly.pdbx_strand_id
1 'polypeptide(L)'
;GSAAAVLDKWVCAQPSSQKATNHNLHITEKLEVLAKAYSVQGDKWRALGYAKAINALKSFHKPVTSYQEACSIPGIGKRM
AEKIIEILESGHLRKLDHISESVPVLELFSNIWGAGTKTAQMWYQQGFRSLEDIRSQASLTTQQAIGLKHYSDFLERMPR
EEATEIEQTVQKAAQAFNSGLLCVACGSYRRGKATCGDVDVLITHPDGRSHRGIFSRLLDSLRQEGFLTDDLVSQEENGQ
QQKYLGVCRLPGPGRRHRRLDIIVVPYSEFACALLYFTGSAHFNRSMRALAKTKGMSLSEHALSTAVVRNTHGCKVGPGR
VLPTPTEKDVFRLLGLPYREPAERDW
;
A
2 'polydeoxyribonucleotide' (DC)(DG)(DG)(DC)(DA)(DG)(DT)(DA)(DC)(DT)(DG) T
3 'polydeoxyribonucleotide' (DC)(DA)(DG)(DT)(DA)(DC)(DT) P
4 'polydeoxyribonucleotide' (DG)(DC)(DC)(DG) D
#
loop_
_chem_comp.id
_chem_comp.type
_chem_comp.name
_chem_comp.formula
ACT non-polymer 'ACETATE ION' 'C2 H3 O2 -1'
CL non-polymer 'CHLORIDE ION' 'Cl -1'
DA DNA linking 2'-DEOXYADENOSINE-5'-MONOPHOSPHATE 'C10 H14 N5 O6 P'
DC DNA linking 2'-DEOXYCYTIDINE-5'-MONOPHOSPHATE 'C9 H14 N3 O7 P'
DG DNA linking 2'-DEOXYGUANOSINE-5'-MONOPHOSPHATE 'C10 H14 N5 O7 P'
DT DNA linking THYMIDINE-5'-MONOPHOSPHATE 'C10 H15 N2 O8 P'
EDO non-polymer 1,2-ETHANEDIOL 'C2 H6 O2'
MG non-polymer 'MAGNESIUM ION' 'Mg 2'
NA non-polymer 'SODIUM ION' 'Na 1'
#
# COMPACT_ATOMS: atom_id res chain seq x y z
N TRP A 10 14.60 11.18 7.69
CA TRP A 10 13.90 9.91 7.79
C TRP A 10 12.44 10.14 8.16
N VAL A 11 11.54 9.81 7.24
CA VAL A 11 10.11 10.01 7.50
C VAL A 11 9.66 9.21 8.72
N CYS A 12 10.15 7.97 8.86
CA CYS A 12 9.75 7.12 9.98
C CYS A 12 10.16 7.69 11.33
N ALA A 13 11.06 8.68 11.35
CA ALA A 13 11.46 9.33 12.59
C ALA A 13 10.56 10.51 12.96
N GLN A 14 9.52 10.78 12.19
CA GLN A 14 8.70 11.98 12.37
C GLN A 14 7.22 11.64 12.32
N PRO A 15 6.39 12.45 12.97
CA PRO A 15 4.94 12.18 12.93
C PRO A 15 4.34 12.56 11.58
N SER A 16 3.45 11.70 11.07
CA SER A 16 2.79 11.99 9.81
C SER A 16 1.75 13.09 9.93
N SER A 17 1.39 13.49 11.15
CA SER A 17 0.51 14.64 11.33
C SER A 17 1.13 15.94 10.84
N GLN A 18 2.44 15.95 10.55
CA GLN A 18 3.09 17.14 9.98
C GLN A 18 2.47 17.53 8.64
N LYS A 19 1.87 16.59 7.93
CA LYS A 19 1.25 16.86 6.63
C LYS A 19 -0.18 17.34 6.75
N ALA A 20 -0.71 17.48 7.97
CA ALA A 20 -2.11 17.86 8.15
C ALA A 20 -2.41 19.20 7.48
N THR A 21 -1.47 20.13 7.54
CA THR A 21 -1.61 21.44 6.90
C THR A 21 -0.52 21.54 5.84
N ASN A 22 -0.93 21.43 4.58
CA ASN A 22 0.02 21.51 3.47
C ASN A 22 0.11 22.97 3.05
N HIS A 23 1.20 23.62 3.42
CA HIS A 23 1.43 24.99 3.01
C HIS A 23 1.92 25.11 1.57
N ASN A 24 2.04 23.98 0.85
CA ASN A 24 2.58 24.00 -0.51
C ASN A 24 1.69 23.23 -1.46
N LEU A 25 0.37 23.23 -1.20
CA LEU A 25 -0.56 22.42 -1.99
C LEU A 25 -0.54 22.82 -3.46
N HIS A 26 -0.31 24.10 -3.78
CA HIS A 26 -0.26 24.51 -5.17
C HIS A 26 0.90 23.86 -5.90
N ILE A 27 2.01 23.60 -5.21
CA ILE A 27 3.14 22.93 -5.83
C ILE A 27 2.91 21.43 -5.90
N THR A 28 2.45 20.83 -4.79
CA THR A 28 2.37 19.37 -4.72
C THR A 28 1.31 18.81 -5.66
N GLU A 29 0.20 19.53 -5.87
CA GLU A 29 -0.82 19.04 -6.78
C GLU A 29 -0.28 18.94 -8.20
N LYS A 30 0.67 19.79 -8.56
CA LYS A 30 1.27 19.74 -9.89
C LYS A 30 2.31 18.63 -9.98
N LEU A 31 3.15 18.49 -8.96
CA LEU A 31 4.16 17.43 -8.99
C LEU A 31 3.52 16.05 -8.95
N GLU A 32 2.37 15.91 -8.30
CA GLU A 32 1.71 14.61 -8.24
C GLU A 32 1.28 14.13 -9.63
N VAL A 33 0.88 15.05 -10.51
CA VAL A 33 0.52 14.66 -11.87
C VAL A 33 1.74 14.08 -12.58
N LEU A 34 2.89 14.75 -12.44
CA LEU A 34 4.12 14.27 -13.05
C LEU A 34 4.57 12.94 -12.45
N ALA A 35 4.49 12.80 -11.13
CA ALA A 35 4.91 11.56 -10.50
C ALA A 35 4.12 10.38 -11.05
N LYS A 36 2.81 10.55 -11.19
CA LYS A 36 1.98 9.48 -11.74
C LYS A 36 2.31 9.20 -13.19
N ALA A 37 2.63 10.23 -13.97
CA ALA A 37 2.96 10.01 -15.36
C ALA A 37 4.24 9.20 -15.48
N TYR A 38 5.25 9.53 -14.67
CA TYR A 38 6.47 8.73 -14.70
C TYR A 38 6.22 7.30 -14.23
N SER A 39 5.38 7.16 -13.20
CA SER A 39 5.13 5.84 -12.62
C SER A 39 4.49 4.91 -13.64
N VAL A 40 3.43 5.37 -14.32
CA VAL A 40 2.71 4.46 -15.21
C VAL A 40 3.54 4.14 -16.45
N GLN A 41 4.51 4.99 -16.78
CA GLN A 41 5.41 4.70 -17.89
C GLN A 41 6.58 3.83 -17.49
N GLY A 42 6.73 3.51 -16.21
CA GLY A 42 7.71 2.52 -15.78
C GLY A 42 8.98 3.09 -15.19
N ASP A 43 9.10 4.42 -15.09
CA ASP A 43 10.30 5.04 -14.52
C ASP A 43 10.11 5.13 -13.01
N LYS A 44 10.27 3.98 -12.35
CA LYS A 44 9.91 3.86 -10.93
C LYS A 44 10.82 4.69 -10.05
N TRP A 45 12.10 4.79 -10.38
CA TRP A 45 13.02 5.50 -9.50
C TRP A 45 12.79 7.00 -9.59
N ARG A 46 12.61 7.53 -10.80
N ARG A 46 12.61 7.53 -10.80
CA ARG A 46 12.24 8.93 -10.93
CA ARG A 46 12.25 8.93 -10.92
C ARG A 46 10.94 9.21 -10.19
C ARG A 46 10.94 9.21 -10.20
N ALA A 47 9.94 8.34 -10.37
CA ALA A 47 8.68 8.51 -9.65
C ALA A 47 8.88 8.47 -8.15
N LEU A 48 9.77 7.59 -7.67
CA LEU A 48 10.04 7.54 -6.24
C LEU A 48 10.63 8.85 -5.74
N GLY A 49 11.56 9.42 -6.50
CA GLY A 49 12.11 10.72 -6.11
C GLY A 49 11.04 11.79 -6.01
N TYR A 50 10.10 11.78 -6.96
CA TYR A 50 8.98 12.73 -6.88
C TYR A 50 8.10 12.48 -5.66
N ALA A 51 7.81 11.21 -5.38
CA ALA A 51 6.96 10.89 -4.23
C ALA A 51 7.57 11.42 -2.94
N LYS A 52 8.88 11.22 -2.78
CA LYS A 52 9.55 11.68 -1.56
C LYS A 52 9.60 13.19 -1.49
N ALA A 53 9.83 13.86 -2.62
CA ALA A 53 9.86 15.32 -2.62
C ALA A 53 8.48 15.87 -2.26
N ILE A 54 7.42 15.23 -2.75
CA ILE A 54 6.08 15.69 -2.45
C ILE A 54 5.79 15.53 -0.97
N ASN A 55 6.22 14.43 -0.36
CA ASN A 55 6.00 14.25 1.07
C ASN A 55 6.77 15.31 1.88
N ALA A 56 8.00 15.60 1.46
CA ALA A 56 8.76 16.64 2.14
C ALA A 56 8.05 17.99 2.06
N LEU A 57 7.48 18.31 0.89
CA LEU A 57 6.80 19.60 0.75
C LEU A 57 5.54 19.66 1.60
N LYS A 58 4.84 18.54 1.74
CA LYS A 58 3.62 18.52 2.56
C LYS A 58 3.94 18.75 4.03
N SER A 59 5.00 18.11 4.54
CA SER A 59 5.30 18.18 5.96
C SER A 59 6.04 19.45 6.35
N PHE A 60 6.64 20.16 5.39
CA PHE A 60 7.35 21.39 5.70
C PHE A 60 6.42 22.38 6.39
N HIS A 61 6.98 23.15 7.32
CA HIS A 61 6.17 23.94 8.24
C HIS A 61 5.61 25.21 7.62
N LYS A 62 6.15 25.67 6.48
CA LYS A 62 5.68 26.90 5.87
C LYS A 62 5.71 26.80 4.35
N PRO A 63 5.12 27.76 3.63
CA PRO A 63 5.28 27.77 2.17
C PRO A 63 6.73 28.02 1.80
N VAL A 64 7.20 27.29 0.79
CA VAL A 64 8.55 27.49 0.27
C VAL A 64 8.52 28.69 -0.66
N THR A 65 9.53 29.57 -0.53
CA THR A 65 9.51 30.85 -1.22
C THR A 65 10.81 31.21 -1.93
N SER A 66 11.87 30.42 -1.80
CA SER A 66 13.13 30.73 -2.45
C SER A 66 13.84 29.46 -2.86
N TYR A 67 14.80 29.61 -3.77
CA TYR A 67 15.59 28.48 -4.26
C TYR A 67 16.45 27.90 -3.15
N GLN A 68 17.13 28.76 -2.39
CA GLN A 68 17.95 28.27 -1.29
C GLN A 68 17.12 27.58 -0.24
N GLU A 69 15.90 28.08 0.01
CA GLU A 69 15.02 27.44 0.99
C GLU A 69 14.65 26.03 0.54
N ALA A 70 14.35 25.87 -0.75
CA ALA A 70 13.92 24.56 -1.25
C ALA A 70 15.03 23.53 -1.09
N CYS A 71 16.26 23.89 -1.48
CA CYS A 71 17.36 22.94 -1.46
C CYS A 71 17.69 22.49 -0.04
N SER A 72 17.40 23.33 0.96
CA SER A 72 17.67 22.96 2.33
C SER A 72 16.79 21.83 2.83
N ILE A 73 15.72 21.49 2.11
CA ILE A 73 14.81 20.42 2.52
C ILE A 73 15.35 19.09 2.03
N PRO A 74 15.51 18.08 2.89
CA PRO A 74 15.89 16.76 2.39
C PRO A 74 14.83 16.20 1.46
N GLY A 75 15.28 15.65 0.33
CA GLY A 75 14.39 15.17 -0.70
C GLY A 75 14.19 16.13 -1.86
N ILE A 76 14.71 17.34 -1.75
CA ILE A 76 14.57 18.37 -2.77
C ILE A 76 15.97 18.75 -3.23
N GLY A 77 16.28 18.47 -4.50
CA GLY A 77 17.52 18.84 -5.11
C GLY A 77 17.36 19.99 -6.10
N LYS A 78 18.41 20.18 -6.90
CA LYS A 78 18.42 21.30 -7.84
C LYS A 78 17.23 21.24 -8.78
N ARG A 79 17.03 20.11 -9.46
CA ARG A 79 15.97 20.04 -10.46
C ARG A 79 14.60 20.23 -9.81
N MET A 80 14.38 19.64 -8.64
CA MET A 80 13.11 19.83 -7.96
C MET A 80 12.95 21.28 -7.52
N ALA A 81 14.05 21.92 -7.11
CA ALA A 81 14.01 23.32 -6.73
C ALA A 81 13.67 24.21 -7.93
N GLU A 82 14.24 23.91 -9.10
CA GLU A 82 13.91 24.68 -10.30
C GLU A 82 12.43 24.61 -10.62
N LYS A 83 11.79 23.46 -10.39
CA LYS A 83 10.36 23.35 -10.66
C LYS A 83 9.54 24.15 -9.65
N ILE A 84 9.99 24.18 -8.40
CA ILE A 84 9.27 24.93 -7.37
C ILE A 84 9.21 26.41 -7.73
N ILE A 85 10.36 27.01 -8.04
CA ILE A 85 10.38 28.44 -8.31
C ILE A 85 9.55 28.76 -9.55
N GLU A 86 9.50 27.86 -10.53
CA GLU A 86 8.63 28.09 -11.69
C GLU A 86 7.18 28.21 -11.26
N ILE A 87 6.71 27.29 -10.40
CA ILE A 87 5.33 27.33 -9.94
C ILE A 87 5.09 28.61 -9.15
N LEU A 88 6.07 29.04 -8.34
CA LEU A 88 5.88 30.20 -7.49
C LEU A 88 5.83 31.48 -8.29
N GLU A 89 6.62 31.57 -9.36
CA GLU A 89 6.68 32.80 -10.15
C GLU A 89 5.53 32.91 -11.14
N SER A 90 5.13 31.79 -11.76
CA SER A 90 4.17 31.80 -12.85
C SER A 90 2.87 31.08 -12.55
N GLY A 91 2.75 30.43 -11.40
CA GLY A 91 1.58 29.65 -11.08
C GLY A 91 1.34 28.44 -11.95
N HIS A 92 2.28 28.10 -12.84
N HIS A 92 2.26 28.12 -12.86
CA HIS A 92 2.11 26.99 -13.76
CA HIS A 92 2.11 27.01 -13.80
C HIS A 92 3.41 26.21 -13.86
C HIS A 92 3.40 26.22 -13.87
N LEU A 93 3.30 24.95 -14.25
CA LEU A 93 4.45 24.09 -14.52
C LEU A 93 4.38 23.65 -15.97
N ARG A 94 5.35 24.08 -16.77
CA ARG A 94 5.25 23.90 -18.21
C ARG A 94 5.23 22.43 -18.58
N LYS A 95 6.02 21.59 -17.90
CA LYS A 95 6.10 20.19 -18.27
C LYS A 95 4.73 19.51 -18.21
N LEU A 96 3.82 20.01 -17.38
CA LEU A 96 2.49 19.41 -17.36
C LEU A 96 1.78 19.52 -18.70
N ASP A 97 2.20 20.46 -19.55
CA ASP A 97 1.66 20.59 -20.90
C ASP A 97 2.41 19.73 -21.91
N HIS A 98 3.35 18.90 -21.47
CA HIS A 98 4.20 18.13 -22.36
C HIS A 98 4.38 16.71 -21.83
N ILE A 99 3.29 16.16 -21.31
CA ILE A 99 3.24 14.76 -20.88
C ILE A 99 2.98 13.89 -22.10
N SER A 100 3.62 12.72 -22.12
N SER A 100 3.61 12.71 -22.12
CA SER A 100 3.35 11.75 -23.19
CA SER A 100 3.35 11.75 -23.18
C SER A 100 1.85 11.51 -23.31
C SER A 100 1.86 11.50 -23.31
N GLU A 101 1.36 11.46 -24.55
CA GLU A 101 -0.07 11.36 -24.76
C GLU A 101 -0.64 10.01 -24.35
N SER A 102 0.21 8.98 -24.21
CA SER A 102 -0.30 7.67 -23.79
C SER A 102 -0.72 7.64 -22.32
N VAL A 103 -0.34 8.64 -21.53
CA VAL A 103 -0.42 8.48 -20.07
C VAL A 103 -1.83 8.25 -19.56
N PRO A 104 -2.87 8.98 -19.99
CA PRO A 104 -4.21 8.70 -19.48
C PRO A 104 -4.66 7.27 -19.70
N VAL A 105 -4.39 6.72 -20.89
CA VAL A 105 -4.75 5.34 -21.17
C VAL A 105 -3.91 4.38 -20.34
N LEU A 106 -2.61 4.67 -20.18
CA LEU A 106 -1.78 3.80 -19.36
C LEU A 106 -2.29 3.78 -17.92
N GLU A 107 -2.74 4.93 -17.41
N GLU A 107 -2.74 4.94 -17.42
CA GLU A 107 -3.30 4.96 -16.06
CA GLU A 107 -3.30 4.98 -16.08
C GLU A 107 -4.59 4.15 -15.99
C GLU A 107 -4.59 4.16 -15.99
N LEU A 108 -5.46 4.29 -17.00
CA LEU A 108 -6.67 3.48 -17.07
C LEU A 108 -6.35 2.00 -16.97
N PHE A 109 -5.36 1.55 -17.74
CA PHE A 109 -5.04 0.13 -17.82
C PHE A 109 -4.34 -0.38 -16.56
N SER A 110 -3.46 0.43 -15.98
CA SER A 110 -2.72 -0.02 -14.81
C SER A 110 -3.59 -0.03 -13.58
N ASN A 111 -4.80 0.52 -13.63
CA ASN A 111 -5.74 0.36 -12.54
C ASN A 111 -6.52 -0.95 -12.61
N ILE A 112 -6.23 -1.83 -13.57
CA ILE A 112 -6.71 -3.21 -13.54
C ILE A 112 -5.82 -4.01 -12.60
N TRP A 113 -6.41 -4.62 -11.58
CA TRP A 113 -5.60 -5.39 -10.64
C TRP A 113 -4.91 -6.52 -11.38
N GLY A 114 -3.60 -6.64 -11.21
CA GLY A 114 -2.84 -7.66 -11.89
C GLY A 114 -2.12 -7.18 -13.12
N ALA A 115 -2.43 -5.97 -13.58
CA ALA A 115 -1.70 -5.34 -14.68
C ALA A 115 -0.90 -4.18 -14.12
N GLY A 116 0.36 -4.13 -14.50
CA GLY A 116 1.26 -3.05 -14.11
C GLY A 116 1.74 -2.31 -15.35
N THR A 117 2.88 -1.61 -15.20
N THR A 117 2.87 -1.61 -15.22
CA THR A 117 3.36 -0.78 -16.30
CA THR A 117 3.34 -0.78 -16.33
C THR A 117 3.69 -1.59 -17.55
C THR A 117 3.67 -1.62 -17.56
N LYS A 118 4.27 -2.79 -17.39
CA LYS A 118 4.67 -3.57 -18.56
C LYS A 118 3.45 -4.03 -19.36
N THR A 119 2.43 -4.54 -18.66
CA THR A 119 1.20 -4.96 -19.33
C THR A 119 0.48 -3.78 -19.97
N ALA A 120 0.39 -2.66 -19.24
CA ALA A 120 -0.29 -1.48 -19.79
C ALA A 120 0.39 -0.99 -21.06
N GLN A 121 1.73 -0.91 -21.06
CA GLN A 121 2.45 -0.47 -22.24
C GLN A 121 2.27 -1.44 -23.39
N MET A 122 2.24 -2.75 -23.10
CA MET A 122 2.03 -3.73 -24.15
C MET A 122 0.67 -3.55 -24.81
N TRP A 123 -0.37 -3.42 -23.99
CA TRP A 123 -1.72 -3.20 -24.50
C TRP A 123 -1.79 -1.92 -25.32
N TYR A 124 -1.16 -0.85 -24.84
CA TYR A 124 -1.14 0.41 -25.59
C TYR A 124 -0.46 0.23 -26.93
N GLN A 125 0.68 -0.47 -26.94
N GLN A 125 0.69 -0.46 -26.95
CA GLN A 125 1.41 -0.70 -28.18
CA GLN A 125 1.40 -0.69 -28.19
C GLN A 125 0.58 -1.52 -29.17
C GLN A 125 0.51 -1.46 -29.18
N GLN A 126 -0.25 -2.43 -28.67
CA GLN A 126 -1.10 -3.26 -29.51
C GLN A 126 -2.33 -2.54 -30.02
N GLY A 127 -2.54 -1.27 -29.63
CA GLY A 127 -3.59 -0.43 -30.18
C GLY A 127 -4.77 -0.24 -29.28
N PHE A 128 -4.76 -0.83 -28.09
CA PHE A 128 -5.91 -0.71 -27.19
C PHE A 128 -5.92 0.64 -26.52
N ARG A 129 -7.12 1.20 -26.39
CA ARG A 129 -7.28 2.55 -25.84
C ARG A 129 -8.37 2.67 -24.80
N SER A 130 -9.18 1.64 -24.57
CA SER A 130 -10.30 1.71 -23.64
C SER A 130 -10.48 0.35 -22.99
N LEU A 131 -11.26 0.31 -21.90
CA LEU A 131 -11.53 -0.97 -21.28
C LEU A 131 -12.42 -1.84 -22.15
N GLU A 132 -13.19 -1.25 -23.05
CA GLU A 132 -13.91 -2.04 -24.04
C GLU A 132 -12.94 -2.80 -24.94
N ASP A 133 -11.88 -2.12 -25.38
CA ASP A 133 -10.83 -2.79 -26.16
C ASP A 133 -10.22 -3.95 -25.38
N ILE A 134 -9.92 -3.73 -24.10
CA ILE A 134 -9.33 -4.77 -23.28
C ILE A 134 -10.28 -5.96 -23.17
N ARG A 135 -11.55 -5.68 -22.84
CA ARG A 135 -12.55 -6.72 -22.63
C ARG A 135 -12.70 -7.60 -23.87
N SER A 136 -12.79 -6.98 -25.03
CA SER A 136 -13.12 -7.68 -26.25
C SER A 136 -11.92 -8.26 -26.99
N GLN A 137 -10.72 -7.70 -26.83
CA GLN A 137 -9.58 -8.04 -27.69
C GLN A 137 -8.29 -8.43 -26.96
N ALA A 138 -8.11 -8.03 -25.71
CA ALA A 138 -6.84 -8.25 -25.04
C ALA A 138 -6.77 -9.64 -24.44
N SER A 139 -5.55 -10.16 -24.32
CA SER A 139 -5.29 -11.36 -23.57
C SER A 139 -5.15 -10.98 -22.10
N LEU A 140 -5.96 -11.60 -21.25
CA LEU A 140 -5.99 -11.31 -19.82
C LEU A 140 -5.58 -12.54 -19.02
N THR A 141 -4.70 -12.35 -18.04
CA THR A 141 -4.48 -13.39 -17.06
C THR A 141 -5.74 -13.63 -16.23
N THR A 142 -5.75 -14.77 -15.54
CA THR A 142 -6.85 -15.05 -14.63
C THR A 142 -7.06 -13.91 -13.65
N GLN A 143 -5.98 -13.41 -13.05
CA GLN A 143 -6.09 -12.31 -12.09
C GLN A 143 -6.64 -11.04 -12.75
N GLN A 144 -6.13 -10.70 -13.93
CA GLN A 144 -6.55 -9.47 -14.60
C GLN A 144 -8.02 -9.51 -15.00
N ALA A 145 -8.52 -10.69 -15.38
CA ALA A 145 -9.94 -10.80 -15.71
C ALA A 145 -10.80 -10.51 -14.49
N ILE A 146 -10.34 -10.94 -13.31
CA ILE A 146 -11.04 -10.61 -12.07
C ILE A 146 -10.93 -9.12 -11.79
N GLY A 147 -9.73 -8.56 -11.96
CA GLY A 147 -9.55 -7.12 -11.79
C GLY A 147 -10.49 -6.33 -12.67
N LEU A 148 -10.60 -6.70 -13.96
CA LEU A 148 -11.47 -5.98 -14.88
C LEU A 148 -12.93 -6.08 -14.44
N LYS A 149 -13.39 -7.30 -14.09
CA LYS A 149 -14.76 -7.50 -13.62
C LYS A 149 -15.11 -6.60 -12.45
N HIS A 150 -14.13 -6.27 -11.61
CA HIS A 150 -14.33 -5.45 -10.44
C HIS A 150 -13.66 -4.09 -10.55
N TYR A 151 -13.53 -3.57 -11.77
CA TYR A 151 -12.71 -2.38 -11.98
C TYR A 151 -13.16 -1.22 -11.10
N SER A 152 -14.45 -0.89 -11.14
CA SER A 152 -14.94 0.22 -10.32
C SER A 152 -14.83 -0.08 -8.84
N ASP A 153 -15.21 -1.29 -8.43
CA ASP A 153 -15.25 -1.60 -7.00
C ASP A 153 -13.86 -1.53 -6.37
N PHE A 154 -12.83 -1.94 -7.10
CA PHE A 154 -11.48 -1.91 -6.55
C PHE A 154 -10.88 -0.51 -6.52
N LEU A 155 -11.53 0.47 -7.12
CA LEU A 155 -11.10 1.87 -6.99
C LEU A 155 -11.83 2.61 -5.88
N GLU A 156 -12.86 2.00 -5.30
CA GLU A 156 -13.62 2.58 -4.20
C GLU A 156 -12.93 2.32 -2.89
N ARG A 157 -13.12 3.23 -1.94
CA ARG A 157 -12.78 3.01 -0.55
C ARG A 157 -14.07 2.80 0.23
N MET A 158 -14.02 1.93 1.18
CA MET A 158 -15.17 1.64 2.01
C MET A 158 -15.10 2.41 3.32
N PRO A 159 -16.24 2.70 3.94
CA PRO A 159 -16.20 3.28 5.28
C PRO A 159 -15.57 2.31 6.26
N ARG A 160 -14.88 2.86 7.26
CA ARG A 160 -14.18 1.96 8.17
C ARG A 160 -15.14 1.06 8.94
N GLU A 161 -16.41 1.47 9.10
CA GLU A 161 -17.38 0.57 9.75
C GLU A 161 -17.57 -0.72 8.95
N GLU A 162 -17.44 -0.66 7.63
CA GLU A 162 -17.56 -1.86 6.81
C GLU A 162 -16.32 -2.74 6.97
N ALA A 163 -15.14 -2.12 7.05
CA ALA A 163 -13.94 -2.86 7.32
C ALA A 163 -14.04 -3.61 8.64
N THR A 164 -14.62 -2.96 9.66
CA THR A 164 -14.87 -3.67 10.92
C THR A 164 -15.71 -4.91 10.69
N GLU A 165 -16.78 -4.79 9.90
N GLU A 165 -16.78 -4.79 9.90
CA GLU A 165 -17.65 -5.94 9.66
CA GLU A 165 -17.65 -5.94 9.66
C GLU A 165 -16.91 -7.05 8.93
C GLU A 165 -16.91 -7.05 8.94
N ILE A 166 -16.02 -6.69 8.02
CA ILE A 166 -15.27 -7.69 7.26
C ILE A 166 -14.27 -8.38 8.17
N GLU A 167 -13.55 -7.61 8.99
CA GLU A 167 -12.63 -8.23 9.94
C GLU A 167 -13.37 -9.17 10.87
N GLN A 168 -14.55 -8.75 11.36
CA GLN A 168 -15.28 -9.60 12.28
C GLN A 168 -15.74 -10.89 11.62
N THR A 169 -16.10 -10.83 10.33
CA THR A 169 -16.49 -12.04 9.60
C THR A 169 -15.32 -13.02 9.56
N VAL A 170 -14.13 -12.52 9.24
CA VAL A 170 -12.95 -13.39 9.21
C VAL A 170 -12.66 -13.93 10.60
N GLN A 171 -12.70 -13.05 11.60
CA GLN A 171 -12.35 -13.45 12.96
C GLN A 171 -13.30 -14.52 13.47
N LYS A 172 -14.60 -14.33 13.27
CA LYS A 172 -15.58 -15.31 13.74
C LYS A 172 -15.35 -16.67 13.07
N ALA A 173 -15.02 -16.68 11.77
CA ALA A 173 -14.78 -17.94 11.09
C ALA A 173 -13.51 -18.62 11.60
N ALA A 174 -12.46 -17.84 11.86
CA ALA A 174 -11.22 -18.41 12.36
C ALA A 174 -11.40 -18.96 13.76
N GLN A 175 -12.00 -18.17 14.65
CA GLN A 175 -12.08 -18.59 16.05
C GLN A 175 -13.05 -19.73 16.22
N ALA A 176 -13.91 -19.99 15.23
CA ALA A 176 -14.85 -21.11 15.29
C ALA A 176 -14.14 -22.45 15.33
N PHE A 177 -12.92 -22.55 14.75
CA PHE A 177 -12.18 -23.80 14.86
C PHE A 177 -10.92 -23.70 15.72
N ASN A 178 -10.54 -22.50 16.16
CA ASN A 178 -9.51 -22.39 17.21
C ASN A 178 -9.74 -21.08 17.95
N SER A 179 -10.36 -21.18 19.14
CA SER A 179 -10.76 -20.01 19.89
C SER A 179 -9.59 -19.16 20.37
N GLY A 180 -8.37 -19.70 20.35
CA GLY A 180 -7.20 -18.97 20.75
C GLY A 180 -6.56 -18.11 19.68
N LEU A 181 -6.99 -18.25 18.44
CA LEU A 181 -6.44 -17.42 17.37
C LEU A 181 -6.70 -15.94 17.64
N LEU A 182 -5.69 -15.12 17.33
CA LEU A 182 -5.77 -13.66 17.43
C LEU A 182 -5.85 -13.09 16.03
N CYS A 183 -6.81 -12.19 15.81
CA CYS A 183 -7.03 -11.54 14.51
C CYS A 183 -7.06 -10.03 14.71
N VAL A 184 -6.33 -9.30 13.87
N VAL A 184 -6.31 -9.29 13.90
CA VAL A 184 -6.21 -7.85 13.97
CA VAL A 184 -6.26 -7.83 14.01
C VAL A 184 -6.35 -7.26 12.57
C VAL A 184 -6.31 -7.24 12.61
N ALA A 185 -7.17 -6.23 12.42
CA ALA A 185 -7.22 -5.48 11.17
C ALA A 185 -6.10 -4.45 11.18
N CYS A 186 -5.31 -4.45 10.11
CA CYS A 186 -4.14 -3.58 10.03
C CYS A 186 -4.38 -2.52 8.96
N GLY A 187 -3.36 -2.18 8.19
CA GLY A 187 -3.42 -1.20 7.12
C GLY A 187 -3.99 0.13 7.56
N SER A 188 -4.68 0.79 6.63
CA SER A 188 -5.24 2.11 6.89
C SER A 188 -6.28 2.08 8.01
N TYR A 189 -6.95 0.96 8.20
CA TYR A 189 -7.87 0.83 9.34
C TYR A 189 -7.15 1.06 10.65
N ARG A 190 -6.04 0.34 10.85
CA ARG A 190 -5.31 0.46 12.11
C ARG A 190 -4.70 1.85 12.25
N ARG A 191 -4.35 2.50 11.14
CA ARG A 191 -3.88 3.88 11.18
C ARG A 191 -4.99 4.90 11.42
N GLY A 192 -6.22 4.44 11.60
CA GLY A 192 -7.31 5.32 11.99
C GLY A 192 -8.02 6.06 10.88
N LYS A 193 -7.84 5.67 9.62
CA LYS A 193 -8.46 6.39 8.52
C LYS A 193 -9.97 6.15 8.48
N ALA A 194 -10.69 7.16 7.97
CA ALA A 194 -12.14 7.07 7.94
C ALA A 194 -12.63 6.11 6.87
N THR A 195 -11.83 5.90 5.82
CA THR A 195 -12.14 4.97 4.75
C THR A 195 -10.91 4.13 4.45
N CYS A 196 -11.17 2.94 3.88
CA CYS A 196 -10.15 1.93 3.64
C CYS A 196 -10.30 1.38 2.23
N GLY A 197 -9.16 1.22 1.55
CA GLY A 197 -9.19 0.65 0.20
C GLY A 197 -9.36 -0.85 0.19
N ASP A 198 -8.83 -1.52 1.20
CA ASP A 198 -9.04 -2.95 1.38
C ASP A 198 -8.95 -3.25 2.86
N VAL A 199 -9.21 -4.49 3.22
CA VAL A 199 -9.17 -4.93 4.61
C VAL A 199 -7.99 -5.87 4.75
N ASP A 200 -7.10 -5.56 5.71
CA ASP A 200 -5.87 -6.29 5.96
C ASP A 200 -6.01 -6.99 7.31
N VAL A 201 -6.11 -8.32 7.31
CA VAL A 201 -6.32 -9.10 8.54
C VAL A 201 -5.08 -9.93 8.82
N LEU A 202 -4.50 -9.73 10.00
CA LEU A 202 -3.34 -10.48 10.49
C LEU A 202 -3.81 -11.49 11.52
N ILE A 203 -3.44 -12.77 11.35
CA ILE A 203 -3.87 -13.85 12.22
C ILE A 203 -2.63 -14.54 12.79
N THR A 204 -2.63 -14.76 14.11
CA THR A 204 -1.56 -15.51 14.77
C THR A 204 -2.15 -16.30 15.93
N HIS A 205 -1.29 -17.02 16.64
CA HIS A 205 -1.75 -17.78 17.83
C HIS A 205 -0.67 -17.68 18.90
N PRO A 206 -1.00 -17.27 20.12
CA PRO A 206 0.05 -17.07 21.14
C PRO A 206 0.78 -18.34 21.54
N ASP A 207 0.30 -19.53 21.17
CA ASP A 207 0.99 -20.75 21.53
C ASP A 207 2.19 -21.03 20.63
N GLY A 208 2.39 -20.22 19.58
CA GLY A 208 3.53 -20.35 18.71
C GLY A 208 3.46 -21.48 17.70
N ARG A 209 2.36 -22.24 17.65
CA ARG A 209 2.32 -23.41 16.78
C ARG A 209 1.01 -23.55 16.01
N SER A 210 -0.12 -23.24 16.65
CA SER A 210 -1.41 -23.58 16.07
C SER A 210 -1.78 -22.74 14.85
N HIS A 211 -0.96 -21.74 14.50
CA HIS A 211 -1.18 -20.99 13.27
C HIS A 211 -0.95 -21.83 12.02
N ARG A 212 -0.33 -23.00 12.15
CA ARG A 212 -0.02 -23.84 10.99
C ARG A 212 -1.27 -24.60 10.55
N GLY A 213 -1.52 -24.61 9.24
CA GLY A 213 -2.61 -25.38 8.69
C GLY A 213 -3.98 -24.77 8.85
N ILE A 214 -4.06 -23.45 9.00
CA ILE A 214 -5.33 -22.79 9.31
C ILE A 214 -5.92 -22.19 8.04
N PHE A 215 -5.08 -21.86 7.06
CA PHE A 215 -5.60 -21.22 5.86
C PHE A 215 -6.66 -22.11 5.19
N SER A 216 -6.37 -23.41 5.08
N SER A 216 -6.36 -23.40 5.05
CA SER A 216 -7.27 -24.30 4.35
CA SER A 216 -7.26 -24.31 4.36
C SER A 216 -8.65 -24.35 4.99
C SER A 216 -8.65 -24.31 5.00
N ARG A 217 -8.70 -24.47 6.32
CA ARG A 217 -9.99 -24.51 6.99
C ARG A 217 -10.67 -23.15 6.95
N LEU A 218 -9.90 -22.08 7.16
CA LEU A 218 -10.49 -20.74 7.16
C LEU A 218 -11.08 -20.41 5.80
N LEU A 219 -10.31 -20.63 4.73
CA LEU A 219 -10.80 -20.25 3.40
C LEU A 219 -12.04 -21.08 3.04
N ASP A 220 -12.02 -22.38 3.31
CA ASP A 220 -13.19 -23.18 2.96
C ASP A 220 -14.41 -22.74 3.76
N SER A 221 -14.21 -22.38 5.03
CA SER A 221 -15.31 -21.86 5.83
C SER A 221 -15.88 -20.60 5.21
N LEU A 222 -15.01 -19.67 4.83
CA LEU A 222 -15.49 -18.41 4.27
C LEU A 222 -16.08 -18.60 2.89
N ARG A 223 -15.67 -19.64 2.16
CA ARG A 223 -16.32 -19.96 0.90
C ARG A 223 -17.68 -20.59 1.13
N GLN A 224 -17.80 -21.41 2.18
CA GLN A 224 -19.06 -22.12 2.44
C GLN A 224 -20.20 -21.14 2.66
N GLU A 225 -19.95 -20.04 3.34
CA GLU A 225 -20.97 -19.04 3.58
C GLU A 225 -21.07 -18.00 2.48
N GLY A 226 -20.37 -18.20 1.36
CA GLY A 226 -20.49 -17.32 0.22
C GLY A 226 -19.80 -15.98 0.39
N PHE A 227 -18.95 -15.83 1.38
CA PHE A 227 -18.35 -14.52 1.66
C PHE A 227 -17.23 -14.19 0.66
N LEU A 228 -16.39 -15.16 0.35
CA LEU A 228 -15.34 -14.96 -0.65
C LEU A 228 -15.91 -15.20 -2.04
N THR A 229 -15.74 -14.22 -2.92
CA THR A 229 -16.32 -14.28 -4.26
C THR A 229 -15.30 -14.60 -5.33
N ASP A 230 -14.04 -14.25 -5.12
CA ASP A 230 -12.99 -14.62 -6.06
C ASP A 230 -11.66 -14.61 -5.31
N ASP A 231 -10.72 -15.39 -5.81
CA ASP A 231 -9.37 -15.47 -5.26
C ASP A 231 -8.38 -14.89 -6.26
N LEU A 232 -7.44 -14.08 -5.77
CA LEU A 232 -6.40 -13.51 -6.63
C LEU A 232 -5.06 -14.18 -6.41
N VAL A 233 -4.63 -14.32 -5.16
CA VAL A 233 -3.38 -14.97 -4.78
C VAL A 233 -3.69 -15.91 -3.62
N SER A 234 -3.50 -17.21 -3.82
CA SER A 234 -3.83 -18.17 -2.75
C SER A 234 -3.18 -19.50 -3.11
N GLN A 235 -2.00 -19.74 -2.56
CA GLN A 235 -1.22 -20.96 -2.86
C GLN A 235 -1.61 -21.99 -1.82
N GLU A 236 -2.61 -22.83 -2.17
CA GLU A 236 -3.24 -23.76 -1.24
C GLU A 236 -2.76 -25.20 -1.43
N GLU A 237 -1.66 -25.40 -2.16
CA GLU A 237 -1.27 -26.75 -2.55
C GLU A 237 -0.34 -27.43 -1.55
N ASN A 238 0.62 -26.72 -0.96
CA ASN A 238 1.67 -27.37 -0.18
C ASN A 238 1.65 -27.05 1.31
N GLY A 239 0.69 -26.27 1.78
CA GLY A 239 0.56 -26.01 3.20
C GLY A 239 1.47 -24.92 3.76
N GLN A 240 2.33 -24.31 2.94
CA GLN A 240 3.21 -23.23 3.39
C GLN A 240 2.64 -21.84 3.11
N GLN A 241 1.36 -21.76 2.78
CA GLN A 241 0.71 -20.50 2.43
C GLN A 241 0.90 -19.44 3.51
N GLN A 242 1.39 -18.26 3.11
CA GLN A 242 1.54 -17.14 4.03
C GLN A 242 0.45 -16.10 3.87
N LYS A 243 -0.08 -15.92 2.66
CA LYS A 243 -1.05 -14.88 2.43
C LYS A 243 -2.18 -15.40 1.56
N TYR A 244 -3.30 -14.70 1.68
CA TYR A 244 -4.44 -14.82 0.79
C TYR A 244 -4.80 -13.41 0.36
N LEU A 245 -4.87 -13.16 -0.94
CA LEU A 245 -5.41 -11.92 -1.51
C LEU A 245 -6.64 -12.29 -2.31
N GLY A 246 -7.78 -11.68 -2.01
CA GLY A 246 -8.97 -12.01 -2.74
C GLY A 246 -10.05 -10.97 -2.62
N VAL A 247 -11.28 -11.43 -2.84
CA VAL A 247 -12.44 -10.55 -2.98
C VAL A 247 -13.56 -11.11 -2.11
N CYS A 248 -14.21 -10.23 -1.37
CA CYS A 248 -15.32 -10.63 -0.53
C CYS A 248 -16.49 -9.67 -0.72
N ARG A 249 -17.63 -10.09 -0.19
CA ARG A 249 -18.82 -9.25 -0.19
C ARG A 249 -19.71 -9.67 0.97
N LEU A 250 -20.06 -8.70 1.80
CA LEU A 250 -20.97 -8.94 2.90
C LEU A 250 -22.36 -9.23 2.36
N PRO A 251 -23.21 -9.93 3.13
CA PRO A 251 -24.55 -10.24 2.63
C PRO A 251 -25.48 -9.03 2.65
N GLY A 252 -26.55 -9.12 1.84
CA GLY A 252 -27.61 -8.14 1.84
C GLY A 252 -27.52 -7.14 0.71
N PRO A 253 -28.51 -6.27 0.59
CA PRO A 253 -28.49 -5.27 -0.49
C PRO A 253 -27.49 -4.16 -0.18
N GLY A 254 -27.12 -3.46 -1.24
CA GLY A 254 -26.28 -2.29 -1.12
C GLY A 254 -24.84 -2.59 -0.81
N ARG A 255 -24.41 -3.83 -1.03
CA ARG A 255 -23.05 -4.24 -0.73
C ARG A 255 -22.22 -4.32 -2.02
N ARG A 256 -20.98 -3.87 -1.90
CA ARG A 256 -19.99 -3.90 -2.97
C ARG A 256 -18.98 -4.99 -2.68
N HIS A 257 -18.35 -5.48 -3.75
CA HIS A 257 -17.20 -6.37 -3.61
C HIS A 257 -16.01 -5.59 -3.09
N ARG A 258 -15.31 -6.18 -2.12
CA ARG A 258 -14.21 -5.54 -1.44
C ARG A 258 -12.96 -6.43 -1.47
N ARG A 259 -11.80 -5.78 -1.58
CA ARG A 259 -10.53 -6.47 -1.51
C ARG A 259 -10.19 -6.85 -0.08
N LEU A 260 -9.78 -8.10 0.11
CA LEU A 260 -9.46 -8.68 1.40
C LEU A 260 -8.08 -9.33 1.32
N ASP A 261 -7.20 -8.99 2.25
CA ASP A 261 -5.86 -9.56 2.34
C ASP A 261 -5.69 -10.17 3.73
N ILE A 262 -5.30 -11.42 3.79
CA ILE A 262 -5.12 -12.11 5.06
C ILE A 262 -3.70 -12.64 5.10
N ILE A 263 -3.01 -12.43 6.21
CA ILE A 263 -1.74 -13.13 6.44
C ILE A 263 -1.80 -13.85 7.78
N VAL A 264 -1.17 -15.02 7.82
CA VAL A 264 -1.06 -15.84 9.03
C VAL A 264 0.42 -15.94 9.36
N VAL A 265 0.79 -15.63 10.60
CA VAL A 265 2.19 -15.54 10.98
C VAL A 265 2.42 -16.28 12.30
N PRO A 266 3.61 -16.83 12.52
CA PRO A 266 3.92 -17.36 13.83
C PRO A 266 4.04 -16.24 14.85
N TYR A 267 3.66 -16.56 16.08
CA TYR A 267 3.63 -15.56 17.14
C TYR A 267 4.96 -14.86 17.34
N SER A 268 6.09 -15.54 17.11
CA SER A 268 7.37 -14.90 17.35
C SER A 268 7.60 -13.76 16.37
N GLU A 269 6.90 -13.76 15.24
CA GLU A 269 7.01 -12.71 14.24
C GLU A 269 5.88 -11.68 14.33
N PHE A 270 5.05 -11.73 15.37
CA PHE A 270 3.83 -10.92 15.40
C PHE A 270 4.13 -9.44 15.31
N ALA A 271 5.09 -8.95 16.08
CA ALA A 271 5.35 -7.51 16.09
C ALA A 271 5.86 -7.04 14.72
N CYS A 272 6.79 -7.78 14.12
CA CYS A 272 7.27 -7.36 12.81
C CYS A 272 6.19 -7.47 11.75
N ALA A 273 5.31 -8.48 11.85
CA ALA A 273 4.21 -8.60 10.90
C ALA A 273 3.19 -7.50 11.09
N LEU A 274 2.88 -7.15 12.34
CA LEU A 274 1.95 -6.05 12.63
C LEU A 274 2.50 -4.72 12.11
N LEU A 275 3.79 -4.49 12.34
CA LEU A 275 4.44 -3.28 11.84
C LEU A 275 4.34 -3.20 10.33
N TYR A 276 4.72 -4.29 9.64
CA TYR A 276 4.65 -4.33 8.19
C TYR A 276 3.23 -4.08 7.70
N PHE A 277 2.26 -4.81 8.23
CA PHE A 277 0.93 -4.80 7.65
C PHE A 277 0.15 -3.53 8.03
N THR A 278 0.63 -2.77 9.02
CA THR A 278 0.03 -1.48 9.36
C THR A 278 0.55 -0.36 8.48
N GLY A 279 1.80 -0.44 8.04
CA GLY A 279 2.27 0.55 7.09
C GLY A 279 2.36 1.92 7.75
N SER A 280 2.26 2.99 6.95
CA SER A 280 2.03 2.93 5.52
C SER A 280 3.19 2.32 4.73
N ALA A 281 2.99 2.12 3.43
CA ALA A 281 4.07 1.58 2.60
C ALA A 281 5.29 2.47 2.62
N HIS A 282 5.10 3.80 2.50
CA HIS A 282 6.23 4.72 2.54
C HIS A 282 6.89 4.71 3.92
N PHE A 283 6.09 4.57 4.97
CA PHE A 283 6.65 4.44 6.31
C PHE A 283 7.54 3.20 6.41
N ASN A 284 7.07 2.07 5.88
CA ASN A 284 7.86 0.84 5.93
C ASN A 284 9.18 0.99 5.17
N ARG A 285 9.11 1.58 3.99
CA ARG A 285 10.32 1.70 3.18
C ARG A 285 11.34 2.59 3.87
N SER A 286 10.87 3.65 4.52
CA SER A 286 11.76 4.53 5.27
C SER A 286 12.38 3.81 6.46
N MET A 287 11.58 3.05 7.21
CA MET A 287 12.12 2.33 8.36
C MET A 287 13.11 1.25 7.92
N ARG A 288 12.80 0.53 6.85
CA ARG A 288 13.71 -0.50 6.38
C ARG A 288 15.01 0.11 5.86
N ALA A 289 14.93 1.25 5.18
CA ALA A 289 16.15 1.92 4.73
C ALA A 289 16.98 2.37 5.93
N LEU A 290 16.33 2.90 6.96
CA LEU A 290 17.06 3.26 8.17
C LEU A 290 17.75 2.05 8.78
N ALA A 291 17.06 0.91 8.83
CA ALA A 291 17.66 -0.29 9.39
C ALA A 291 18.94 -0.66 8.65
N LYS A 292 18.91 -0.56 7.32
CA LYS A 292 20.07 -0.94 6.51
C LYS A 292 21.28 -0.05 6.85
N THR A 293 21.05 1.24 7.08
CA THR A 293 22.18 2.12 7.40
C THR A 293 22.79 1.77 8.76
N LYS A 294 22.07 1.02 9.59
CA LYS A 294 22.54 0.63 10.91
C LYS A 294 23.02 -0.82 10.95
N GLY A 295 23.30 -1.41 9.78
CA GLY A 295 23.76 -2.78 9.76
C GLY A 295 22.71 -3.80 10.10
N MET A 296 21.44 -3.46 9.90
CA MET A 296 20.33 -4.35 10.20
C MET A 296 19.48 -4.51 8.95
N SER A 297 18.47 -5.35 9.06
CA SER A 297 17.51 -5.59 7.99
C SER A 297 16.14 -5.84 8.62
N LEU A 298 15.11 -5.20 8.10
CA LEU A 298 13.76 -5.31 8.64
C LEU A 298 12.84 -5.88 7.57
N SER A 299 12.09 -6.93 7.92
CA SER A 299 11.07 -7.48 7.05
C SER A 299 9.83 -7.78 7.89
N GLU A 300 8.78 -8.28 7.20
CA GLU A 300 7.60 -8.74 7.89
C GLU A 300 7.91 -9.89 8.85
N HIS A 301 9.06 -10.55 8.71
CA HIS A 301 9.39 -11.69 9.55
C HIS A 301 10.20 -11.30 10.78
N ALA A 302 11.12 -10.34 10.66
CA ALA A 302 12.04 -10.10 11.77
C ALA A 302 12.86 -8.85 11.52
N LEU A 303 13.37 -8.30 12.61
CA LEU A 303 14.49 -7.37 12.58
C LEU A 303 15.75 -8.18 12.86
N SER A 304 16.73 -8.09 11.96
N SER A 304 16.71 -8.11 11.94
CA SER A 304 17.94 -8.89 12.08
CA SER A 304 17.95 -8.87 12.05
C SER A 304 19.16 -8.06 11.73
C SER A 304 19.14 -7.93 11.92
N THR A 305 20.32 -8.47 12.24
CA THR A 305 21.56 -7.85 11.85
C THR A 305 21.90 -8.28 10.42
N ALA A 306 22.78 -7.52 9.77
CA ALA A 306 23.16 -7.81 8.40
C ALA A 306 23.87 -9.17 8.27
N GLY A 319 22.61 -13.33 9.28
CA GLY A 319 22.57 -12.40 10.39
C GLY A 319 21.91 -13.00 11.63
N ARG A 320 21.82 -12.19 12.69
CA ARG A 320 21.17 -12.59 13.93
C ARG A 320 19.78 -11.96 13.98
N VAL A 321 18.78 -12.75 14.36
CA VAL A 321 17.44 -12.22 14.60
C VAL A 321 17.43 -11.53 15.96
N LEU A 322 16.99 -10.24 15.98
CA LEU A 322 16.87 -9.53 17.24
C LEU A 322 15.51 -9.79 17.88
N PRO A 323 15.43 -9.81 19.21
CA PRO A 323 14.13 -10.09 19.86
C PRO A 323 13.23 -8.87 19.81
N THR A 324 12.04 -9.02 19.25
CA THR A 324 11.07 -7.92 19.15
C THR A 324 9.68 -8.42 19.52
N PRO A 325 9.41 -8.53 20.83
CA PRO A 325 8.06 -8.95 21.23
C PRO A 325 6.99 -7.92 20.94
N THR A 326 7.33 -6.65 20.79
CA THR A 326 6.34 -5.61 20.54
C THR A 326 6.87 -4.65 19.47
N GLU A 327 5.94 -3.91 18.86
CA GLU A 327 6.33 -2.88 17.90
C GLU A 327 7.31 -1.90 18.53
N LYS A 328 7.09 -1.54 19.80
CA LYS A 328 7.96 -0.59 20.48
C LYS A 328 9.41 -1.04 20.46
N ASP A 329 9.65 -2.36 20.54
CA ASP A 329 11.01 -2.88 20.53
C ASP A 329 11.70 -2.62 19.19
N VAL A 330 10.98 -2.70 18.08
CA VAL A 330 11.58 -2.42 16.78
C VAL A 330 12.03 -0.96 16.72
N PHE A 331 11.14 -0.03 17.07
CA PHE A 331 11.52 1.38 17.11
C PHE A 331 12.75 1.58 17.98
N ARG A 332 12.74 0.97 19.15
CA ARG A 332 13.83 1.16 20.12
C ARG A 332 15.15 0.69 19.54
N LEU A 333 15.18 -0.52 18.97
CA LEU A 333 16.42 -1.06 18.41
C LEU A 333 16.93 -0.25 17.23
N LEU A 334 16.06 0.49 16.54
CA LEU A 334 16.47 1.38 15.47
C LEU A 334 16.74 2.81 15.96
N GLY A 335 16.68 3.06 17.26
CA GLY A 335 16.97 4.38 17.76
C GLY A 335 15.91 5.41 17.45
N LEU A 336 14.68 4.98 17.21
CA LEU A 336 13.59 5.86 16.81
C LEU A 336 12.59 6.03 17.94
N PRO A 337 12.03 7.22 18.14
CA PRO A 337 10.91 7.33 19.07
C PRO A 337 9.70 6.60 18.50
N TYR A 338 8.95 5.96 19.39
CA TYR A 338 7.77 5.22 18.98
C TYR A 338 6.75 6.14 18.33
N ARG A 339 6.10 5.64 17.29
CA ARG A 339 4.98 6.30 16.63
C ARG A 339 3.75 5.40 16.69
N GLU A 340 2.64 5.93 17.20
CA GLU A 340 1.38 5.21 17.13
C GLU A 340 0.99 5.00 15.68
N PRO A 341 0.19 3.98 15.38
CA PRO A 341 -0.19 3.74 13.96
C PRO A 341 -0.71 4.96 13.23
N ALA A 342 -1.50 5.81 13.89
CA ALA A 342 -2.04 6.98 13.19
C ALA A 342 -0.97 7.95 12.75
N GLU A 343 0.21 7.92 13.36
CA GLU A 343 1.31 8.80 13.01
C GLU A 343 2.28 8.18 12.00
N ARG A 344 1.91 7.04 11.40
CA ARG A 344 2.71 6.37 10.39
C ARG A 344 2.15 6.55 8.99
N ASP A 345 1.26 7.52 8.81
CA ASP A 345 0.50 7.65 7.57
C ASP A 345 1.27 8.49 6.55
N TRP A 346 2.47 8.02 6.23
CA TRP A 346 3.30 8.70 5.24
C TRP A 346 2.96 8.27 3.82
NA NA E . -2.82 -2.69 -11.49
NA NA F . 18.23 18.98 -0.34
NA NA G . 3.01 20.89 6.90
CL CL H . 2.83 -5.05 19.65
CL CL I . 8.12 -7.92 4.10
MG MG J . -4.38 -5.02 1.68
C1 EDO K . -5.36 1.85 1.50
O1 EDO K . -6.19 1.41 2.58
C2 EDO K . -4.10 2.56 2.00
O2 EDO K . -4.32 3.97 2.14
C ACT L . -11.49 -24.62 19.57
O ACT L . -11.11 -23.68 20.32
OXT ACT L . -12.56 -24.70 18.90
CH3 ACT L . -10.54 -25.84 19.44
#